data_3BU6
#
_entry.id   3BU6
#
_cell.length_a   46.738
_cell.length_b   84.724
_cell.length_c   51.349
_cell.angle_alpha   90.00
_cell.angle_beta   113.13
_cell.angle_gamma   90.00
#
_symmetry.space_group_name_H-M   'P 1 21 1'
#
loop_
_entity.id
_entity.type
_entity.pdbx_description
1 polymer 'insulin receptor subunit beta'
2 polymer 'Insulin receptor substrate 2'
3 water water
#
loop_
_entity_poly.entity_id
_entity_poly.type
_entity_poly.pdbx_seq_one_letter_code
_entity_poly.pdbx_strand_id
1 'polypeptide(L)'
;VFPSSVYVPDEWEVSREKITLLRELGQGSFGMVYEGNARDIIKGEAETRVAVKTVNESASLRERIEFLNEASVMKGFTCH
HVVRLLGVVSKGQPTLVVMELMAHGDLKSYLRSLRPEAENNPGRPPPTLQEMIQMAAEIADGMAYLNAKKFVHRDLAARN
CMVAHDFTVKIGDFGMTRDI(PTR)ETD(PTR)(PTR)RKGGKGLLPVRWMAPESLKDGVFTTSSDMWSFGVVLWEITSL
AEQPYQGLSNEQVLKFVMDGGYLDQPDNCPERVTDLMRMCWQFNPNMRPTFLEIVNLLKDDLHPSFPEVSFFHSEENK
;
A
2 'polypeptide(L)' AYNPYPED(PTR)GDIEIG B
#
# COMPACT_ATOMS: atom_id res chain seq x y z
N ASP A 10 -11.86 11.72 20.18
CA ASP A 10 -12.88 12.81 20.36
C ASP A 10 -13.45 13.28 19.02
N GLU A 11 -12.66 14.07 18.28
CA GLU A 11 -13.01 14.44 16.90
C GLU A 11 -13.26 13.22 16.01
N TRP A 12 -12.57 12.12 16.32
CA TRP A 12 -12.63 10.88 15.55
C TRP A 12 -13.67 9.89 16.08
N GLU A 13 -14.08 10.10 17.32
CA GLU A 13 -14.98 9.17 17.99
C GLU A 13 -16.34 9.11 17.31
N VAL A 14 -16.77 7.88 17.00
CA VAL A 14 -18.08 7.63 16.43
C VAL A 14 -18.88 6.79 17.42
N SER A 15 -20.16 7.12 17.57
CA SER A 15 -21.07 6.36 18.43
C SER A 15 -21.33 4.97 17.84
N ARG A 16 -21.12 3.93 18.66
CA ARG A 16 -21.19 2.54 18.21
C ARG A 16 -22.49 2.18 17.51
N GLU A 17 -23.60 2.78 17.93
CA GLU A 17 -24.92 2.45 17.39
C GLU A 17 -25.03 2.79 15.91
N LYS A 18 -24.16 3.67 15.44
CA LYS A 18 -24.16 4.09 14.05
C LYS A 18 -23.46 3.12 13.09
N ILE A 19 -22.70 2.17 13.64
CA ILE A 19 -21.92 1.22 12.84
C ILE A 19 -22.54 -0.17 12.82
N THR A 20 -22.85 -0.69 11.64
CA THR A 20 -23.38 -2.03 11.48
C THR A 20 -22.44 -2.88 10.61
N LEU A 21 -21.96 -3.99 11.16
CA LEU A 21 -21.13 -4.94 10.40
C LEU A 21 -21.99 -5.82 9.50
N LEU A 22 -21.60 -5.93 8.23
CA LEU A 22 -22.41 -6.64 7.24
C LEU A 22 -21.81 -7.97 6.79
N ARG A 23 -20.54 -7.94 6.41
CA ARG A 23 -19.84 -9.14 5.94
C ARG A 23 -18.35 -8.96 6.07
N GLU A 24 -17.62 -10.06 5.95
CA GLU A 24 -16.17 -10.09 6.04
C GLU A 24 -15.56 -9.69 4.71
N LEU A 25 -14.61 -8.75 4.76
CA LEU A 25 -13.81 -8.42 3.59
C LEU A 25 -12.55 -9.30 3.53
N GLY A 26 -12.03 -9.69 4.69
CA GLY A 26 -10.82 -10.49 4.74
C GLY A 26 -9.98 -10.18 5.96
N GLN A 27 -9.12 -11.12 6.33
CA GLN A 27 -8.23 -10.94 7.48
C GLN A 27 -7.21 -9.84 7.20
N GLY A 28 -7.20 -8.82 8.05
CA GLY A 28 -6.21 -7.75 7.97
C GLY A 28 -4.97 -8.09 8.78
N SER A 29 -4.08 -7.12 8.95
CA SER A 29 -2.86 -7.34 9.72
C SER A 29 -3.15 -7.93 11.09
N PHE A 30 -4.06 -7.30 11.83
CA PHE A 30 -4.24 -7.63 13.25
C PHE A 30 -5.60 -8.26 13.59
N GLY A 31 -6.47 -8.34 12.59
CA GLY A 31 -7.78 -8.95 12.76
C GLY A 31 -8.65 -8.79 11.52
N MET A 32 -9.87 -9.29 11.61
CA MET A 32 -10.81 -9.30 10.49
C MET A 32 -11.22 -7.87 10.07
N VAL A 33 -11.19 -7.61 8.78
CA VAL A 33 -11.80 -6.39 8.24
C VAL A 33 -13.19 -6.74 7.68
N TYR A 34 -14.17 -5.88 7.98
CA TYR A 34 -15.55 -6.08 7.55
C TYR A 34 -16.00 -4.94 6.65
N GLU A 35 -16.90 -5.26 5.72
CA GLU A 35 -17.71 -4.22 5.08
C GLU A 35 -18.84 -3.90 6.03
N GLY A 36 -19.11 -2.61 6.21
CA GLY A 36 -20.16 -2.19 7.13
C GLY A 36 -20.96 -1.00 6.62
N ASN A 37 -21.94 -0.61 7.43
CA ASN A 37 -22.72 0.60 7.21
C ASN A 37 -22.50 1.56 8.37
N ALA A 38 -22.17 2.80 8.03
CA ALA A 38 -21.98 3.84 9.03
C ALA A 38 -22.98 4.98 8.81
N ARG A 39 -23.76 5.26 9.84
CA ARG A 39 -24.74 6.34 9.76
C ARG A 39 -24.14 7.64 10.24
N ASP A 40 -24.41 8.72 9.50
CA ASP A 40 -24.00 10.07 9.87
C ASP A 40 -22.51 10.21 10.21
N ILE A 41 -21.67 9.58 9.40
CA ILE A 41 -20.22 9.66 9.56
C ILE A 41 -19.61 10.70 8.60
N ILE A 42 -20.19 10.80 7.40
CA ILE A 42 -19.74 11.77 6.41
C ILE A 42 -20.86 12.78 6.13
N LYS A 43 -20.56 14.05 6.40
CA LYS A 43 -21.48 15.15 6.12
C LYS A 43 -22.06 15.04 4.70
N GLY A 44 -23.40 15.07 4.61
CA GLY A 44 -24.07 14.97 3.31
C GLY A 44 -24.54 13.57 2.95
N GLU A 45 -24.29 12.61 3.84
CA GLU A 45 -24.64 11.21 3.64
C GLU A 45 -25.28 10.67 4.92
N ALA A 46 -26.56 10.30 4.85
CA ALA A 46 -27.24 9.72 6.01
C ALA A 46 -26.55 8.43 6.43
N GLU A 47 -26.07 7.67 5.44
CA GLU A 47 -25.44 6.38 5.66
C GLU A 47 -24.40 6.09 4.57
N THR A 48 -23.23 5.64 5.01
CA THR A 48 -22.10 5.38 4.13
C THR A 48 -21.65 3.93 4.28
N ARG A 49 -21.41 3.27 3.16
CA ARG A 49 -20.77 1.97 3.19
C ARG A 49 -19.28 2.16 3.49
N VAL A 50 -18.76 1.40 4.46
CA VAL A 50 -17.41 1.60 5.00
C VAL A 50 -16.67 0.27 5.17
N ALA A 51 -15.35 0.37 5.36
CA ALA A 51 -14.54 -0.76 5.82
C ALA A 51 -14.31 -0.59 7.31
N VAL A 52 -14.39 -1.68 8.06
CA VAL A 52 -14.19 -1.63 9.52
C VAL A 52 -13.13 -2.64 9.95
N LYS A 53 -12.01 -2.13 10.46
CA LYS A 53 -10.92 -2.98 10.96
C LYS A 53 -11.12 -3.29 12.44
N THR A 54 -10.85 -4.54 12.81
CA THR A 54 -10.95 -4.99 14.20
C THR A 54 -9.68 -5.73 14.59
N VAL A 55 -9.50 -5.99 15.89
CA VAL A 55 -8.40 -6.81 16.41
C VAL A 55 -8.90 -8.20 16.76
N ASN A 56 -8.18 -9.25 16.33
CA ASN A 56 -8.40 -10.61 16.80
C ASN A 56 -8.46 -10.68 18.33
N GLU A 57 -9.43 -11.42 18.86
CA GLU A 57 -9.52 -11.61 20.32
C GLU A 57 -8.25 -12.27 20.87
N SER A 58 -7.60 -13.07 20.03
CA SER A 58 -6.38 -13.79 20.41
C SER A 58 -5.09 -13.07 20.01
N ALA A 59 -5.20 -11.80 19.59
CA ALA A 59 -4.04 -11.03 19.17
C ALA A 59 -3.07 -10.87 20.34
N SER A 60 -1.79 -10.93 20.01
CA SER A 60 -0.74 -10.65 20.99
C SER A 60 -0.76 -9.20 21.46
N LEU A 61 -0.15 -8.96 22.62
CA LEU A 61 0.01 -7.60 23.10
C LEU A 61 0.62 -6.67 22.03
N ARG A 62 1.68 -7.14 21.36
CA ARG A 62 2.35 -6.39 20.28
C ARG A 62 1.38 -6.00 19.16
N GLU A 63 0.57 -6.95 18.72
CA GLU A 63 -0.41 -6.72 17.64
C GLU A 63 -1.50 -5.74 18.07
N ARG A 64 -1.93 -5.82 19.32
CA ARG A 64 -2.92 -4.90 19.85
C ARG A 64 -2.36 -3.48 19.85
N ILE A 65 -1.11 -3.33 20.31
CA ILE A 65 -0.41 -2.06 20.28
C ILE A 65 -0.28 -1.52 18.86
N GLU A 66 0.21 -2.35 17.93
CA GLU A 66 0.38 -1.93 16.54
C GLU A 66 -0.93 -1.52 15.85
N PHE A 67 -2.00 -2.28 16.10
CA PHE A 67 -3.34 -1.95 15.58
C PHE A 67 -3.77 -0.54 15.98
N LEU A 68 -3.68 -0.23 17.27
CA LEU A 68 -4.08 1.07 17.78
C LEU A 68 -3.17 2.16 17.21
N ASN A 69 -1.86 1.89 17.17
CA ASN A 69 -0.89 2.83 16.61
C ASN A 69 -1.12 3.14 15.13
N GLU A 70 -1.50 2.12 14.35
CA GLU A 70 -1.84 2.31 12.95
C GLU A 70 -3.03 3.27 12.78
N ALA A 71 -4.13 3.01 13.50
CA ALA A 71 -5.27 3.94 13.49
C ALA A 71 -4.82 5.35 13.82
N SER A 72 -4.00 5.47 14.86
CA SER A 72 -3.48 6.76 15.30
C SER A 72 -2.68 7.50 14.21
N VAL A 73 -1.79 6.78 13.53
CA VAL A 73 -1.03 7.33 12.40
C VAL A 73 -1.96 7.90 11.30
N MET A 74 -3.04 7.18 11.01
CA MET A 74 -3.97 7.55 9.94
C MET A 74 -4.73 8.88 10.20
N LYS A 75 -4.90 9.23 11.48
CA LYS A 75 -5.59 10.45 11.87
C LYS A 75 -4.90 11.68 11.27
N GLY A 76 -3.59 11.59 11.06
CA GLY A 76 -2.84 12.72 10.53
C GLY A 76 -2.87 12.90 9.01
N PHE A 77 -3.53 11.99 8.30
CA PHE A 77 -3.45 12.00 6.83
C PHE A 77 -4.68 12.55 6.13
N THR A 78 -4.43 13.47 5.21
CA THR A 78 -5.44 13.94 4.28
C THR A 78 -4.82 13.94 2.89
N CYS A 79 -5.08 12.87 2.14
CA CYS A 79 -4.56 12.77 0.77
C CYS A 79 -5.49 11.95 -0.09
N HIS A 80 -5.79 12.45 -1.27
CA HIS A 80 -6.67 11.75 -2.20
C HIS A 80 -6.16 10.34 -2.53
N HIS A 81 -4.85 10.17 -2.53
CA HIS A 81 -4.25 8.91 -2.92
C HIS A 81 -3.82 8.05 -1.73
N VAL A 82 -4.40 8.36 -0.58
CA VAL A 82 -4.21 7.58 0.64
C VAL A 82 -5.60 7.29 1.18
N VAL A 83 -5.85 6.01 1.48
CA VAL A 83 -7.12 5.57 2.08
C VAL A 83 -7.42 6.32 3.38
N ARG A 84 -8.64 6.84 3.47
CA ARG A 84 -9.01 7.81 4.49
C ARG A 84 -9.52 7.14 5.76
N LEU A 85 -9.02 7.57 6.92
CA LEU A 85 -9.67 7.22 8.20
C LEU A 85 -10.93 8.07 8.35
N LEU A 86 -12.05 7.41 8.68
CA LEU A 86 -13.34 8.11 8.84
C LEU A 86 -13.74 8.32 10.29
N GLY A 87 -13.37 7.38 11.15
CA GLY A 87 -13.72 7.46 12.55
C GLY A 87 -13.27 6.25 13.33
N VAL A 88 -13.36 6.36 14.65
CA VAL A 88 -13.00 5.29 15.55
C VAL A 88 -14.12 5.09 16.58
N VAL A 89 -14.48 3.84 16.83
CA VAL A 89 -15.31 3.50 17.98
C VAL A 89 -14.37 2.94 19.05
N SER A 90 -14.10 3.76 20.07
CA SER A 90 -13.19 3.36 21.16
C SER A 90 -13.85 3.34 22.55
N LYS A 91 -15.16 3.55 22.59
CA LYS A 91 -15.92 3.44 23.83
C LYS A 91 -16.51 2.05 23.91
N GLY A 92 -16.24 1.34 25.01
CA GLY A 92 -16.67 -0.05 25.16
C GLY A 92 -15.91 -1.00 24.27
N GLN A 93 -16.51 -2.17 24.03
CA GLN A 93 -15.86 -3.24 23.26
C GLN A 93 -16.71 -3.70 22.10
N PRO A 94 -16.07 -4.09 20.97
CA PRO A 94 -14.64 -3.95 20.67
C PRO A 94 -14.30 -2.63 19.94
N THR A 95 -13.01 -2.32 19.88
CA THR A 95 -12.53 -1.19 19.10
C THR A 95 -12.78 -1.41 17.60
N LEU A 96 -13.37 -0.41 16.95
CA LEU A 96 -13.61 -0.43 15.53
C LEU A 96 -12.88 0.73 14.87
N VAL A 97 -12.15 0.43 13.81
CA VAL A 97 -11.43 1.45 13.05
C VAL A 97 -12.14 1.56 11.72
N VAL A 98 -12.81 2.70 11.51
CA VAL A 98 -13.69 2.87 10.36
C VAL A 98 -12.98 3.65 9.27
N MET A 99 -12.88 3.04 8.08
CA MET A 99 -12.25 3.67 6.95
C MET A 99 -13.01 3.65 5.63
N GLU A 100 -12.52 4.47 4.70
CA GLU A 100 -13.01 4.54 3.34
C GLU A 100 -13.01 3.15 2.75
N LEU A 101 -14.18 2.72 2.28
CA LEU A 101 -14.31 1.45 1.59
C LEU A 101 -13.79 1.63 0.17
N MET A 102 -12.96 0.69 -0.24
CA MET A 102 -12.35 0.71 -1.55
C MET A 102 -13.06 -0.37 -2.35
N ALA A 103 -13.86 0.08 -3.31
CA ALA A 103 -14.86 -0.75 -3.97
C ALA A 103 -14.26 -1.93 -4.71
N HIS A 104 -13.04 -1.80 -5.21
CA HIS A 104 -12.37 -2.90 -5.93
C HIS A 104 -11.25 -3.61 -5.19
N GLY A 105 -11.17 -3.36 -3.88
CA GLY A 105 -10.28 -4.12 -3.00
C GLY A 105 -8.82 -3.78 -3.25
N ASP A 106 -7.94 -4.75 -3.00
CA ASP A 106 -6.51 -4.48 -3.11
C ASP A 106 -6.05 -4.62 -4.56
N LEU A 107 -4.95 -3.93 -4.88
CA LEU A 107 -4.42 -3.91 -6.25
C LEU A 107 -3.95 -5.29 -6.70
N LYS A 108 -3.40 -6.09 -5.79
CA LYS A 108 -2.92 -7.43 -6.16
C LYS A 108 -4.07 -8.32 -6.64
N SER A 109 -5.18 -8.32 -5.89
CA SER A 109 -6.41 -9.04 -6.27
C SER A 109 -6.96 -8.54 -7.59
N TYR A 110 -7.01 -7.21 -7.73
CA TYR A 110 -7.48 -6.58 -8.93
C TYR A 110 -6.66 -7.01 -10.14
N LEU A 111 -5.33 -6.87 -10.05
CA LEU A 111 -4.44 -7.28 -11.13
C LEU A 111 -4.60 -8.75 -11.50
N ARG A 112 -4.67 -9.61 -10.48
CA ARG A 112 -4.81 -11.05 -10.72
C ARG A 112 -6.14 -11.37 -11.44
N SER A 113 -7.16 -10.56 -11.18
CA SER A 113 -8.48 -10.74 -11.81
C SER A 113 -8.47 -10.40 -13.30
N LEU A 114 -7.47 -9.63 -13.72
CA LEU A 114 -7.34 -9.22 -15.13
C LEU A 114 -6.51 -10.19 -15.97
N ARG A 115 -6.01 -11.26 -15.35
CA ARG A 115 -5.35 -12.32 -16.10
C ARG A 115 -6.35 -12.98 -17.05
N PRO A 116 -5.89 -13.35 -18.27
CA PRO A 116 -6.82 -13.89 -19.27
C PRO A 116 -7.56 -15.13 -18.77
N GLU A 117 -6.87 -15.95 -17.97
CA GLU A 117 -7.41 -17.19 -17.46
C GLU A 117 -8.11 -17.06 -16.09
N ALA A 118 -8.14 -15.86 -15.53
CA ALA A 118 -8.76 -15.63 -14.21
C ALA A 118 -10.24 -16.00 -14.20
N GLU A 119 -10.63 -16.87 -13.29
CA GLU A 119 -12.05 -17.26 -13.14
C GLU A 119 -12.93 -16.03 -12.91
N ASN A 120 -12.40 -15.03 -12.21
CA ASN A 120 -13.14 -13.80 -11.92
C ASN A 120 -12.86 -12.64 -12.90
N ASN A 121 -12.33 -12.95 -14.09
CA ASN A 121 -12.11 -11.91 -15.10
C ASN A 121 -13.41 -11.12 -15.35
N PRO A 122 -13.37 -9.79 -15.17
CA PRO A 122 -14.56 -8.96 -15.30
C PRO A 122 -14.99 -8.69 -16.74
N GLY A 123 -14.30 -9.27 -17.71
CA GLY A 123 -14.55 -9.01 -19.12
C GLY A 123 -13.91 -7.71 -19.58
N ARG A 124 -12.70 -7.46 -19.07
CA ARG A 124 -11.87 -6.32 -19.44
C ARG A 124 -10.46 -6.85 -19.70
N PRO A 125 -9.71 -6.22 -20.64
CA PRO A 125 -8.34 -6.69 -20.90
C PRO A 125 -7.41 -6.15 -19.81
N PRO A 126 -6.16 -6.65 -19.71
CA PRO A 126 -5.20 -6.10 -18.75
C PRO A 126 -4.96 -4.58 -18.91
N PRO A 127 -4.32 -3.94 -17.90
CA PRO A 127 -4.20 -2.49 -17.98
C PRO A 127 -3.44 -2.04 -19.22
N THR A 128 -3.89 -0.94 -19.81
CA THR A 128 -3.19 -0.34 -20.92
C THR A 128 -2.03 0.49 -20.37
N LEU A 129 -1.15 0.94 -21.26
CA LEU A 129 -0.02 1.78 -20.88
C LEU A 129 -0.51 3.02 -20.11
N GLN A 130 -1.57 3.66 -20.61
CA GLN A 130 -2.08 4.87 -19.98
C GLN A 130 -2.60 4.60 -18.57
N GLU A 131 -3.29 3.48 -18.40
CA GLU A 131 -3.81 3.08 -17.08
C GLU A 131 -2.67 2.74 -16.10
N MET A 132 -1.64 2.06 -16.59
CA MET A 132 -0.44 1.78 -15.79
C MET A 132 0.24 3.05 -15.33
N ILE A 133 0.37 4.03 -16.24
CA ILE A 133 0.99 5.32 -15.94
C ILE A 133 0.21 6.05 -14.86
N GLN A 134 -1.12 6.04 -15.00
CA GLN A 134 -2.01 6.66 -14.02
C GLN A 134 -1.89 6.01 -12.61
N MET A 135 -1.86 4.68 -12.57
CA MET A 135 -1.67 3.91 -11.33
C MET A 135 -0.36 4.32 -10.64
N ALA A 136 0.71 4.31 -11.45
CA ALA A 136 2.07 4.67 -11.01
C ALA A 136 2.10 6.06 -10.38
N ALA A 137 1.53 7.04 -11.06
CA ALA A 137 1.48 8.41 -10.56
C ALA A 137 0.66 8.54 -9.27
N GLU A 138 -0.49 7.86 -9.22
CA GLU A 138 -1.33 7.87 -8.01
C GLU A 138 -0.62 7.24 -6.80
N ILE A 139 -0.05 6.06 -6.99
CA ILE A 139 0.76 5.42 -5.95
C ILE A 139 1.92 6.33 -5.52
N ALA A 140 2.67 6.86 -6.48
CA ALA A 140 3.79 7.74 -6.18
C ALA A 140 3.34 9.03 -5.47
N ASP A 141 2.18 9.57 -5.86
CA ASP A 141 1.67 10.78 -5.21
C ASP A 141 1.35 10.56 -3.73
N GLY A 142 0.68 9.43 -3.43
CA GLY A 142 0.35 9.07 -2.05
C GLY A 142 1.58 8.77 -1.22
N MET A 143 2.59 8.16 -1.83
CA MET A 143 3.85 7.91 -1.17
C MET A 143 4.66 9.18 -0.92
N ALA A 144 4.65 10.10 -1.90
CA ALA A 144 5.28 11.41 -1.72
C ALA A 144 4.63 12.18 -0.58
N TYR A 145 3.31 12.02 -0.44
CA TYR A 145 2.59 12.62 0.69
C TYR A 145 3.01 12.03 2.01
N LEU A 146 3.07 10.70 2.06
CA LEU A 146 3.50 10.00 3.28
C LEU A 146 4.92 10.43 3.71
N ASN A 147 5.82 10.56 2.73
CA ASN A 147 7.19 10.96 2.97
C ASN A 147 7.31 12.42 3.47
N ALA A 148 6.56 13.33 2.84
CA ALA A 148 6.46 14.72 3.30
C ALA A 148 5.90 14.81 4.73
N LYS A 149 5.05 13.86 5.11
CA LYS A 149 4.55 13.73 6.48
C LYS A 149 5.53 13.06 7.45
N LYS A 150 6.71 12.69 6.93
CA LYS A 150 7.81 12.07 7.68
C LYS A 150 7.44 10.71 8.26
N PHE A 151 6.88 9.85 7.41
CA PHE A 151 6.73 8.44 7.72
C PHE A 151 7.37 7.64 6.61
N VAL A 152 7.93 6.50 6.96
CA VAL A 152 8.39 5.53 5.99
C VAL A 152 7.39 4.37 6.00
N HIS A 153 7.01 3.89 4.83
CA HIS A 153 5.95 2.88 4.73
C HIS A 153 6.43 1.48 5.11
N ARG A 154 7.55 1.05 4.55
CA ARG A 154 8.19 -0.25 4.87
C ARG A 154 7.49 -1.49 4.33
N ASP A 155 6.27 -1.33 3.81
CA ASP A 155 5.55 -2.48 3.29
C ASP A 155 4.78 -2.16 2.00
N LEU A 156 5.36 -1.33 1.15
CA LEU A 156 4.71 -0.99 -0.13
C LEU A 156 4.71 -2.21 -1.06
N ALA A 157 3.52 -2.52 -1.59
CA ALA A 157 3.31 -3.71 -2.40
C ALA A 157 1.91 -3.59 -2.99
N ALA A 158 1.66 -4.26 -4.10
CA ALA A 158 0.33 -4.26 -4.69
C ALA A 158 -0.78 -4.64 -3.68
N ARG A 159 -0.51 -5.60 -2.79
CA ARG A 159 -1.51 -6.04 -1.80
C ARG A 159 -1.88 -4.93 -0.79
N ASN A 160 -1.02 -3.91 -0.65
CA ASN A 160 -1.28 -2.82 0.30
C ASN A 160 -1.71 -1.51 -0.35
N CYS A 161 -1.94 -1.58 -1.66
CA CYS A 161 -2.59 -0.50 -2.40
C CYS A 161 -4.03 -0.97 -2.68
N MET A 162 -4.96 -0.03 -2.76
CA MET A 162 -6.37 -0.34 -2.89
C MET A 162 -6.98 0.42 -4.06
N VAL A 163 -8.04 -0.14 -4.64
CA VAL A 163 -8.60 0.36 -5.89
C VAL A 163 -10.02 0.86 -5.63
N ALA A 164 -10.25 2.14 -5.94
CA ALA A 164 -11.55 2.76 -5.70
C ALA A 164 -12.59 2.44 -6.79
N HIS A 165 -13.80 2.96 -6.63
CA HIS A 165 -14.89 2.68 -7.58
C HIS A 165 -14.60 3.22 -8.99
N ASP A 166 -13.83 4.31 -9.06
CA ASP A 166 -13.42 4.91 -10.34
C ASP A 166 -12.01 4.50 -10.75
N PHE A 167 -11.50 3.49 -10.06
CA PHE A 167 -10.22 2.82 -10.34
C PHE A 167 -8.98 3.62 -9.94
N THR A 168 -9.19 4.71 -9.20
CA THR A 168 -8.11 5.41 -8.53
C THR A 168 -7.40 4.44 -7.58
N VAL A 169 -6.07 4.40 -7.64
CA VAL A 169 -5.30 3.57 -6.71
C VAL A 169 -4.82 4.43 -5.54
N LYS A 170 -4.92 3.89 -4.33
CA LYS A 170 -4.52 4.61 -3.11
C LYS A 170 -3.70 3.71 -2.18
N ILE A 171 -2.76 4.31 -1.43
CA ILE A 171 -2.05 3.57 -0.39
C ILE A 171 -3.05 3.23 0.72
N GLY A 172 -3.11 1.95 1.10
CA GLY A 172 -4.24 1.46 1.89
C GLY A 172 -4.04 0.70 3.19
N ASP A 173 -2.78 0.40 3.51
CA ASP A 173 -2.45 -0.41 4.69
C ASP A 173 -1.13 0.09 5.25
N PHE A 174 -1.10 0.38 6.55
CA PHE A 174 0.03 1.04 7.18
C PHE A 174 0.55 0.26 8.40
N GLY A 175 0.39 -1.05 8.36
CA GLY A 175 0.78 -1.93 9.45
C GLY A 175 2.26 -1.98 9.81
N MET A 176 3.10 -1.37 8.98
CA MET A 176 4.56 -1.37 9.23
C MET A 176 5.12 0.05 9.18
N THR A 177 4.24 1.02 8.97
CA THR A 177 4.63 2.41 8.79
C THR A 177 5.24 2.99 10.09
N ARG A 178 6.36 3.71 9.95
CA ARG A 178 7.06 4.28 11.12
C ARG A 178 7.40 5.75 10.92
N ASP A 179 7.27 6.50 12.00
CA ASP A 179 7.66 7.91 12.04
C ASP A 179 9.17 8.05 11.80
N ILE A 180 9.55 8.97 10.92
CA ILE A 180 10.97 9.28 10.66
C ILE A 180 11.27 10.78 10.78
N GLU A 182 12.50 12.79 13.09
CA GLU A 182 13.79 13.22 13.63
C GLU A 182 15.02 12.83 12.80
N THR A 183 15.02 11.63 12.22
CA THR A 183 16.24 11.08 11.60
C THR A 183 16.18 10.73 10.10
N ASP A 184 14.98 10.70 9.52
CA ASP A 184 14.77 10.29 8.11
C ASP A 184 14.93 8.79 7.81
N ARG A 187 15.38 1.95 11.74
CA ARG A 187 16.25 0.77 11.75
C ARG A 187 15.72 -0.27 12.71
N LYS A 188 15.70 -1.52 12.26
CA LYS A 188 15.31 -2.66 13.08
C LYS A 188 15.87 -3.93 12.45
N GLY A 189 16.87 -4.51 13.09
CA GLY A 189 17.42 -5.79 12.68
C GLY A 189 16.73 -6.95 13.38
N GLY A 190 17.21 -8.16 13.11
CA GLY A 190 16.72 -9.35 13.79
C GLY A 190 15.76 -10.17 12.96
N LYS A 191 15.24 -11.22 13.58
CA LYS A 191 14.32 -12.15 12.93
C LYS A 191 12.92 -11.56 12.82
N GLY A 192 12.20 -11.90 11.75
CA GLY A 192 10.83 -11.43 11.54
C GLY A 192 10.13 -12.09 10.36
N LEU A 193 8.80 -12.11 10.41
CA LEU A 193 7.96 -12.48 9.27
C LEU A 193 7.85 -11.23 8.40
N LEU A 194 8.62 -11.21 7.32
CA LEU A 194 8.88 -9.98 6.58
C LEU A 194 8.57 -10.13 5.09
N PRO A 195 8.19 -9.02 4.41
CA PRO A 195 7.88 -9.06 2.99
C PRO A 195 9.17 -9.11 2.15
N VAL A 196 9.93 -10.18 2.33
CA VAL A 196 11.26 -10.31 1.72
C VAL A 196 11.35 -9.98 0.22
N ARG A 197 10.35 -10.38 -0.55
CA ARG A 197 10.37 -10.19 -2.02
C ARG A 197 10.16 -8.73 -2.46
N TRP A 198 9.80 -7.87 -1.50
CA TRP A 198 9.58 -6.44 -1.77
C TRP A 198 10.70 -5.56 -1.18
N MET A 199 11.59 -6.16 -0.40
CA MET A 199 12.53 -5.38 0.40
C MET A 199 13.84 -5.01 -0.31
N ALA A 200 14.32 -3.78 -0.05
CA ALA A 200 15.58 -3.29 -0.62
C ALA A 200 16.81 -4.01 -0.05
N PRO A 201 17.91 -4.13 -0.83
CA PRO A 201 19.11 -4.82 -0.35
C PRO A 201 19.60 -4.28 1.00
N GLU A 202 19.65 -2.95 1.18
CA GLU A 202 20.13 -2.37 2.45
C GLU A 202 19.18 -2.58 3.63
N SER A 203 17.88 -2.80 3.34
CA SER A 203 16.93 -3.13 4.40
C SER A 203 17.20 -4.53 4.92
N LEU A 204 17.43 -5.45 3.98
CA LEU A 204 17.76 -6.83 4.29
C LEU A 204 19.13 -6.96 4.95
N LYS A 205 20.05 -6.07 4.56
CA LYS A 205 21.42 -6.11 5.09
C LYS A 205 21.56 -5.36 6.40
N ASP A 206 21.14 -4.10 6.42
CA ASP A 206 21.35 -3.24 7.58
C ASP A 206 20.09 -3.03 8.43
N GLY A 207 18.95 -3.60 8.00
CA GLY A 207 17.66 -3.35 8.66
C GLY A 207 17.23 -1.88 8.59
N VAL A 208 17.72 -1.16 7.60
CA VAL A 208 17.42 0.27 7.46
C VAL A 208 16.31 0.52 6.45
N PHE A 209 15.38 1.40 6.82
CA PHE A 209 14.22 1.72 5.99
C PHE A 209 14.18 3.21 5.83
N THR A 210 14.14 3.65 4.59
CA THR A 210 14.10 5.06 4.21
C THR A 210 13.08 5.21 3.08
N THR A 211 12.86 6.45 2.66
CA THR A 211 12.03 6.67 1.48
C THR A 211 12.63 5.99 0.22
N SER A 212 13.96 5.82 0.18
CA SER A 212 14.63 5.10 -0.91
C SER A 212 14.35 3.61 -0.90
N SER A 213 14.22 3.02 0.29
CA SER A 213 13.83 1.61 0.35
C SER A 213 12.35 1.44 -0.01
N ASP A 214 11.51 2.45 0.30
CA ASP A 214 10.13 2.45 -0.21
C ASP A 214 10.14 2.50 -1.76
N MET A 215 11.07 3.29 -2.31
CA MET A 215 11.24 3.44 -3.76
C MET A 215 11.58 2.12 -4.43
N TRP A 216 12.46 1.35 -3.80
CA TRP A 216 12.74 -0.01 -4.23
C TRP A 216 11.45 -0.81 -4.35
N SER A 217 10.67 -0.88 -3.27
CA SER A 217 9.36 -1.55 -3.28
C SER A 217 8.39 -1.01 -4.35
N PHE A 218 8.40 0.29 -4.58
CA PHE A 218 7.61 0.92 -5.65
C PHE A 218 7.99 0.33 -7.03
N GLY A 219 9.27 0.13 -7.26
CA GLY A 219 9.74 -0.60 -8.43
C GLY A 219 9.09 -1.97 -8.52
N VAL A 220 9.09 -2.71 -7.41
CA VAL A 220 8.47 -4.03 -7.38
C VAL A 220 6.96 -3.97 -7.64
N VAL A 221 6.29 -2.94 -7.13
CA VAL A 221 4.88 -2.70 -7.46
C VAL A 221 4.70 -2.52 -8.99
N LEU A 222 5.60 -1.76 -9.64
CA LEU A 222 5.55 -1.60 -11.11
C LEU A 222 5.70 -2.94 -11.80
N TRP A 223 6.57 -3.79 -11.26
CA TRP A 223 6.78 -5.12 -11.77
C TRP A 223 5.48 -5.94 -11.62
N GLU A 224 4.84 -5.87 -10.45
CA GLU A 224 3.52 -6.49 -10.21
C GLU A 224 2.44 -6.05 -11.22
N ILE A 225 2.37 -4.74 -11.47
CA ILE A 225 1.43 -4.18 -12.44
C ILE A 225 1.63 -4.81 -13.83
N THR A 226 2.89 -4.91 -14.26
CA THR A 226 3.20 -5.36 -15.63
C THR A 226 3.29 -6.89 -15.75
N SER A 227 3.25 -7.58 -14.62
CA SER A 227 3.22 -9.04 -14.59
C SER A 227 1.87 -9.59 -14.12
N LEU A 228 0.91 -8.70 -13.87
CA LEU A 228 -0.38 -9.03 -13.26
C LEU A 228 -0.22 -9.77 -11.95
N ALA A 229 0.64 -9.20 -11.10
CA ALA A 229 0.88 -9.68 -9.74
C ALA A 229 1.31 -11.14 -9.59
N GLU A 230 2.28 -11.55 -10.41
CA GLU A 230 3.01 -12.81 -10.20
C GLU A 230 3.82 -12.67 -8.91
N GLN A 231 4.32 -13.77 -8.36
CA GLN A 231 5.23 -13.69 -7.22
C GLN A 231 6.61 -13.25 -7.72
N PRO A 232 7.15 -12.16 -7.13
CA PRO A 232 8.52 -11.78 -7.51
C PRO A 232 9.52 -12.88 -7.15
N TYR A 233 10.49 -13.12 -8.02
CA TYR A 233 11.56 -14.13 -7.81
C TYR A 233 10.98 -15.55 -7.67
N GLN A 234 10.05 -15.90 -8.55
CA GLN A 234 9.42 -17.22 -8.51
C GLN A 234 10.47 -18.29 -8.77
N GLY A 235 10.41 -19.38 -8.03
CA GLY A 235 11.44 -20.41 -8.13
C GLY A 235 12.58 -20.20 -7.14
N LEU A 236 12.61 -19.03 -6.49
CA LEU A 236 13.55 -18.82 -5.40
C LEU A 236 12.80 -18.84 -4.07
N SER A 237 13.33 -19.60 -3.11
CA SER A 237 12.83 -19.60 -1.75
C SER A 237 13.07 -18.23 -1.11
N ASN A 238 12.46 -17.99 0.05
CA ASN A 238 12.62 -16.74 0.78
C ASN A 238 14.06 -16.44 1.15
N GLU A 239 14.79 -17.47 1.58
CA GLU A 239 16.20 -17.32 1.94
C GLU A 239 17.10 -17.06 0.73
N GLN A 240 16.72 -17.58 -0.44
CA GLN A 240 17.46 -17.36 -1.67
C GLN A 240 17.27 -15.94 -2.21
N VAL A 241 16.06 -15.41 -2.02
CA VAL A 241 15.78 -14.00 -2.37
C VAL A 241 16.64 -13.07 -1.51
N LEU A 242 16.65 -13.32 -0.20
CA LEU A 242 17.50 -12.59 0.75
C LEU A 242 18.96 -12.51 0.27
N LYS A 243 19.54 -13.66 -0.08
CA LYS A 243 20.92 -13.73 -0.59
C LYS A 243 21.06 -13.01 -1.93
N PHE A 244 20.19 -13.38 -2.87
CA PHE A 244 20.18 -12.86 -4.24
C PHE A 244 20.12 -11.34 -4.28
N VAL A 245 19.17 -10.76 -3.57
CA VAL A 245 18.99 -9.30 -3.60
C VAL A 245 20.14 -8.56 -2.90
N MET A 246 20.59 -9.09 -1.76
CA MET A 246 21.73 -8.49 -1.04
C MET A 246 23.02 -8.50 -1.85
N ASP A 247 23.16 -9.50 -2.73
CA ASP A 247 24.33 -9.65 -3.59
C ASP A 247 24.18 -8.89 -4.92
N GLY A 248 23.16 -8.04 -5.02
CA GLY A 248 22.99 -7.19 -6.20
C GLY A 248 22.02 -7.71 -7.25
N GLY A 249 21.31 -8.78 -6.93
CA GLY A 249 20.26 -9.31 -7.81
C GLY A 249 19.01 -8.44 -7.84
N TYR A 250 18.29 -8.50 -8.96
CA TYR A 250 17.01 -7.80 -9.11
C TYR A 250 16.12 -8.55 -10.12
N LEU A 251 14.88 -8.11 -10.26
CA LEU A 251 13.88 -8.78 -11.09
C LEU A 251 14.11 -8.57 -12.58
N ASP A 252 13.75 -9.58 -13.38
CA ASP A 252 13.77 -9.46 -14.83
C ASP A 252 12.50 -8.76 -15.29
N GLN A 253 12.54 -8.23 -16.50
CA GLN A 253 11.38 -7.57 -17.06
C GLN A 253 10.29 -8.57 -17.45
N PRO A 254 9.03 -8.29 -17.06
CA PRO A 254 7.91 -9.12 -17.50
C PRO A 254 7.79 -9.12 -19.02
N ASP A 255 7.20 -10.18 -19.58
CA ASP A 255 6.93 -10.28 -21.02
C ASP A 255 6.08 -9.10 -21.46
N ASN A 256 6.44 -8.49 -22.59
CA ASN A 256 5.70 -7.37 -23.20
C ASN A 256 5.56 -6.11 -22.33
N CYS A 257 6.48 -5.95 -21.38
CA CYS A 257 6.51 -4.79 -20.51
C CYS A 257 6.82 -3.54 -21.34
N PRO A 258 5.99 -2.48 -21.22
CA PRO A 258 6.32 -1.26 -21.93
C PRO A 258 7.67 -0.71 -21.45
N GLU A 259 8.48 -0.21 -22.38
CA GLU A 259 9.87 0.18 -22.06
C GLU A 259 9.91 1.28 -21.02
N ARG A 260 8.96 2.19 -21.11
CA ARG A 260 8.84 3.30 -20.18
C ARG A 260 8.73 2.85 -18.71
N VAL A 261 8.01 1.76 -18.48
CA VAL A 261 7.86 1.22 -17.13
C VAL A 261 9.13 0.45 -16.74
N THR A 262 9.69 -0.28 -17.69
CA THR A 262 10.98 -0.95 -17.53
C THR A 262 12.06 0.04 -17.08
N ASP A 263 12.16 1.17 -17.78
CA ASP A 263 13.11 2.25 -17.45
C ASP A 263 12.96 2.71 -16.01
N LEU A 264 11.71 2.96 -15.59
CA LEU A 264 11.42 3.36 -14.21
C LEU A 264 11.84 2.29 -13.21
N MET A 265 11.43 1.04 -13.45
CA MET A 265 11.81 -0.08 -12.60
C MET A 265 13.31 -0.14 -12.35
N ARG A 266 14.11 -0.04 -13.40
CA ARG A 266 15.56 -0.16 -13.28
C ARG A 266 16.16 0.95 -12.42
N MET A 267 15.57 2.14 -12.49
CA MET A 267 15.99 3.28 -11.66
C MET A 267 15.68 3.03 -10.19
N CYS A 268 14.54 2.39 -9.94
CA CYS A 268 14.11 2.04 -8.58
C CYS A 268 15.00 0.97 -7.94
N TRP A 269 15.68 0.19 -8.77
CA TRP A 269 16.46 -0.95 -8.28
C TRP A 269 17.98 -0.75 -8.28
N GLN A 270 18.40 0.50 -8.39
CA GLN A 270 19.80 0.85 -8.17
C GLN A 270 20.23 0.33 -6.81
N PHE A 271 21.38 -0.33 -6.75
CA PHE A 271 21.85 -0.88 -5.49
C PHE A 271 22.01 0.18 -4.41
N ASN A 272 22.56 1.33 -4.80
CA ASN A 272 22.83 2.44 -3.88
C ASN A 272 21.57 3.28 -3.71
N PRO A 273 20.98 3.29 -2.49
CA PRO A 273 19.71 4.01 -2.30
C PRO A 273 19.78 5.49 -2.69
N ASN A 274 20.95 6.10 -2.53
CA ASN A 274 21.14 7.50 -2.89
C ASN A 274 20.88 7.75 -4.37
N MET A 275 20.96 6.69 -5.18
CA MET A 275 20.82 6.83 -6.62
C MET A 275 19.39 6.66 -7.16
N ARG A 276 18.47 6.20 -6.31
CA ARG A 276 17.09 5.94 -6.71
C ARG A 276 16.32 7.26 -6.83
N PRO A 277 15.21 7.28 -7.62
CA PRO A 277 14.39 8.50 -7.66
C PRO A 277 13.67 8.77 -6.35
N THR A 278 13.17 10.00 -6.19
CA THR A 278 12.24 10.31 -5.11
C THR A 278 10.83 10.15 -5.68
N PHE A 279 9.82 10.04 -4.81
CA PHE A 279 8.44 9.89 -5.25
C PHE A 279 7.91 11.15 -5.95
N LEU A 280 8.37 12.32 -5.52
CA LEU A 280 8.04 13.56 -6.24
C LEU A 280 8.58 13.52 -7.67
N GLU A 281 9.80 13.00 -7.83
CA GLU A 281 10.42 12.89 -9.15
C GLU A 281 9.66 11.98 -10.08
N ILE A 282 9.02 10.95 -9.52
CA ILE A 282 8.19 10.02 -10.29
C ILE A 282 6.95 10.74 -10.80
N VAL A 283 6.25 11.45 -9.90
CA VAL A 283 5.05 12.15 -10.29
C VAL A 283 5.43 13.19 -11.36
N ASN A 284 6.47 13.97 -11.10
CA ASN A 284 6.96 14.95 -12.08
C ASN A 284 7.23 14.38 -13.46
N LEU A 285 7.93 13.25 -13.53
CA LEU A 285 8.19 12.55 -14.80
C LEU A 285 6.90 12.21 -15.55
N LEU A 286 5.86 11.84 -14.81
CA LEU A 286 4.65 11.30 -15.41
C LEU A 286 3.54 12.34 -15.59
N LYS A 287 3.77 13.55 -15.10
CA LYS A 287 2.71 14.57 -14.89
C LYS A 287 1.95 15.08 -16.11
N ASP A 288 2.54 14.95 -17.29
CA ASP A 288 1.92 15.42 -18.53
C ASP A 288 1.10 14.33 -19.20
N ASP A 289 1.12 13.14 -18.60
CA ASP A 289 0.47 11.98 -19.17
C ASP A 289 -0.66 11.42 -18.30
N LEU A 290 -1.38 12.31 -17.62
CA LEU A 290 -2.38 11.88 -16.62
C LEU A 290 -3.77 12.44 -16.89
N HIS A 291 -4.76 11.86 -16.21
CA HIS A 291 -6.15 12.32 -16.30
C HIS A 291 -6.23 13.79 -15.88
N PRO A 292 -7.07 14.60 -16.56
CA PRO A 292 -7.13 16.04 -16.23
C PRO A 292 -7.46 16.37 -14.76
N SER A 293 -8.07 15.43 -14.03
CA SER A 293 -8.44 15.67 -12.62
C SER A 293 -7.25 15.64 -11.66
N PHE A 294 -6.14 15.06 -12.10
CA PHE A 294 -4.97 14.83 -11.23
C PHE A 294 -4.47 16.08 -10.47
N PRO A 295 -4.22 17.21 -11.18
CA PRO A 295 -3.77 18.44 -10.48
C PRO A 295 -4.78 18.97 -9.44
N GLU A 296 -6.06 18.65 -9.63
CA GLU A 296 -7.11 19.10 -8.72
C GLU A 296 -7.13 18.30 -7.41
N VAL A 297 -6.60 17.08 -7.42
CA VAL A 297 -6.64 16.18 -6.25
C VAL A 297 -5.27 15.71 -5.73
N SER A 298 -4.22 15.88 -6.54
CA SER A 298 -2.89 15.40 -6.18
C SER A 298 -2.24 16.15 -5.03
N PHE A 299 -1.39 15.45 -4.27
CA PHE A 299 -0.51 16.11 -3.31
C PHE A 299 0.55 16.92 -4.04
N PHE A 300 1.07 16.35 -5.14
CA PHE A 300 2.09 16.97 -5.96
C PHE A 300 1.76 18.41 -6.36
N HIS A 301 0.54 18.61 -6.87
CA HIS A 301 0.13 19.93 -7.40
C HIS A 301 -0.50 20.81 -6.32
N SER A 302 -0.48 20.34 -5.07
CA SER A 302 -1.14 21.05 -3.98
C SER A 302 -0.25 22.14 -3.39
N GLU A 303 -0.87 23.09 -2.68
CA GLU A 303 -0.14 24.14 -1.97
C GLU A 303 0.74 23.57 -0.87
N GLU A 304 0.35 22.41 -0.34
CA GLU A 304 1.07 21.74 0.73
C GLU A 304 2.42 21.18 0.27
N ASN A 305 2.56 20.94 -1.04
CA ASN A 305 3.82 20.43 -1.58
C ASN A 305 4.86 21.54 -1.70
N LYS A 306 5.51 21.84 -0.57
CA LYS A 306 6.40 22.98 -0.41
C LYS A 306 7.80 22.53 -0.02
N TYR B 2 -8.25 -6.15 0.27
CA TYR B 2 -8.50 -6.68 1.65
C TYR B 2 -8.09 -8.15 1.80
N ASN B 3 -7.77 -8.79 0.68
CA ASN B 3 -7.28 -10.16 0.68
C ASN B 3 -5.88 -10.26 1.30
N PRO B 4 -5.70 -11.19 2.27
CA PRO B 4 -4.38 -11.44 2.84
C PRO B 4 -3.55 -12.35 1.93
N TYR B 5 -2.23 -12.14 1.91
CA TYR B 5 -1.32 -12.96 1.10
C TYR B 5 -0.19 -13.53 1.96
N PRO B 6 -0.49 -14.59 2.74
CA PRO B 6 0.50 -15.18 3.66
C PRO B 6 1.81 -15.61 2.98
N GLU B 7 1.73 -15.99 1.70
CA GLU B 7 2.91 -16.43 0.96
C GLU B 7 3.87 -15.27 0.60
N ASP B 8 3.40 -14.04 0.75
CA ASP B 8 4.20 -12.82 0.49
C ASP B 8 5.12 -12.43 1.65
N GLY B 10 8.03 -14.07 4.58
CA GLY B 10 8.91 -15.17 4.99
C GLY B 10 9.57 -14.88 6.32
N ASP B 11 9.88 -15.93 7.08
CA ASP B 11 10.64 -15.80 8.32
C ASP B 11 12.11 -15.66 7.98
N ILE B 12 12.62 -14.43 8.06
CA ILE B 12 14.03 -14.18 7.76
C ILE B 12 14.64 -13.30 8.84
N GLU B 13 15.97 -13.16 8.79
CA GLU B 13 16.69 -12.25 9.66
C GLU B 13 17.32 -11.13 8.83
N ILE B 14 17.13 -9.89 9.27
CA ILE B 14 17.72 -8.71 8.62
C ILE B 14 18.61 -7.95 9.60
N GLY B 15 19.38 -6.99 9.09
CA GLY B 15 20.25 -6.17 9.95
C GLY B 15 21.46 -6.91 10.52
#